data_2EB1
#
_entry.id   2EB1
#
_cell.length_a   88.602
_cell.length_b   199.743
_cell.length_c   119.640
_cell.angle_alpha   90.00
_cell.angle_beta   90.00
_cell.angle_gamma   90.00
#
_symmetry.space_group_name_H-M   'C 2 2 21'
#
loop_
_entity.id
_entity.type
_entity.pdbx_description
1 polymer 'Endoribonuclease Dicer'
2 non-polymer 'MAGNESIUM ION'
3 water water
#
_entity_poly.entity_id   1
_entity_poly.type   'polypeptide(L)'
_entity_poly.pdbx_seq_one_letter_code
;MNHLISGFENFEKKINYRFKNKAYLLQAFTHASYHYNTITDCYQRLEFLGDAILDYLITKHLYEDPRQHSPGVLTDLRSA
LVNNTIFASLAVKYDYHKYFKAVSPELFHVIDDFVQFQLEKNEMQGMDSELRRSEEDEEKEEDIEVPKAMGDIFESLAGA
IYMDSGMSLETVWQVYYPMMRPLIEKFSANVPRSHHHHHH
;
_entity_poly.pdbx_strand_id   A,B,C
#
# COMPACT_ATOMS: atom_id res chain seq x y z
N ASN A 2 -13.00 -8.71 18.81
CA ASN A 2 -12.74 -8.75 17.33
C ASN A 2 -13.97 -8.59 16.44
N HIS A 3 -13.70 -8.00 15.28
CA HIS A 3 -14.29 -8.47 14.01
C HIS A 3 -13.16 -8.59 12.95
N LEU A 4 -11.90 -8.62 13.42
CA LEU A 4 -10.79 -8.27 12.56
C LEU A 4 -10.67 -9.15 11.32
N ILE A 5 -10.82 -10.46 11.45
CA ILE A 5 -10.59 -11.30 10.26
C ILE A 5 -11.87 -11.62 9.52
N SER A 6 -12.98 -11.06 9.97
CA SER A 6 -14.25 -11.36 9.32
C SER A 6 -14.18 -11.06 7.82
N GLY A 7 -14.69 -11.98 7.00
CA GLY A 7 -14.81 -11.69 5.57
C GLY A 7 -13.60 -12.11 4.73
N PHE A 8 -12.48 -12.39 5.37
CA PHE A 8 -11.27 -12.67 4.63
C PHE A 8 -11.40 -13.89 3.67
N GLU A 9 -12.25 -14.87 4.03
CA GLU A 9 -12.53 -16.03 3.17
C GLU A 9 -12.94 -15.62 1.78
N ASN A 10 -13.58 -14.49 1.61
CA ASN A 10 -13.97 -14.09 0.25
C ASN A 10 -12.74 -13.65 -0.57
N PHE A 11 -11.81 -13.00 0.11
CA PHE A 11 -10.60 -12.60 -0.59
C PHE A 11 -9.79 -13.86 -0.96
N GLU A 12 -9.64 -14.78 -0.04
CA GLU A 12 -8.92 -16.01 -0.29
C GLU A 12 -9.48 -16.75 -1.52
N LYS A 13 -10.77 -16.62 -1.72
CA LYS A 13 -11.39 -17.27 -2.85
C LYS A 13 -11.07 -16.52 -4.13
N LYS A 14 -11.07 -15.20 -4.09
CA LYS A 14 -10.73 -14.45 -5.29
C LYS A 14 -9.26 -14.69 -5.80
N ILE A 15 -8.29 -14.85 -4.90
CA ILE A 15 -6.87 -15.02 -5.32
C ILE A 15 -6.48 -16.48 -5.29
N ASN A 16 -7.42 -17.30 -4.86
CA ASN A 16 -7.23 -18.71 -4.83
C ASN A 16 -6.11 -19.18 -3.95
N TYR A 17 -6.08 -18.64 -2.74
CA TYR A 17 -5.13 -19.09 -1.77
C TYR A 17 -5.75 -19.01 -0.37
N ARG A 18 -5.62 -20.08 0.39
CA ARG A 18 -6.15 -20.15 1.74
C ARG A 18 -5.01 -20.06 2.76
N PHE A 19 -5.04 -19.07 3.65
CA PHE A 19 -4.00 -18.97 4.66
C PHE A 19 -4.11 -20.01 5.76
N LYS A 20 -2.98 -20.54 6.18
CA LYS A 20 -2.90 -21.40 7.34
C LYS A 20 -2.87 -20.61 8.64
N ASN A 21 -2.21 -19.45 8.60
CA ASN A 21 -2.20 -18.56 9.74
C ASN A 21 -2.76 -17.22 9.25
N LYS A 22 -4.01 -16.92 9.65
CA LYS A 22 -4.72 -15.77 9.13
C LYS A 22 -4.13 -14.47 9.66
N ALA A 23 -3.30 -14.56 10.69
CA ALA A 23 -2.64 -13.40 11.21
C ALA A 23 -1.75 -12.71 10.12
N TYR A 24 -1.18 -13.50 9.21
CA TYR A 24 -0.33 -12.97 8.13
C TYR A 24 -1.20 -12.14 7.15
N LEU A 25 -2.39 -12.65 6.88
CA LEU A 25 -3.31 -12.00 5.97
C LEU A 25 -3.85 -10.72 6.59
N LEU A 26 -4.18 -10.78 7.88
CA LEU A 26 -4.59 -9.58 8.60
C LEU A 26 -3.48 -8.51 8.58
N GLN A 27 -2.23 -8.91 8.91
CA GLN A 27 -1.12 -7.99 8.93
C GLN A 27 -0.96 -7.34 7.54
N ALA A 28 -1.12 -8.12 6.49
CA ALA A 28 -0.90 -7.65 5.12
C ALA A 28 -1.83 -6.50 4.73
N PHE A 29 -3.03 -6.50 5.31
CA PHE A 29 -4.08 -5.58 4.95
C PHE A 29 -4.23 -4.46 5.99
N THR A 30 -3.37 -4.43 7.01
CA THR A 30 -3.47 -3.42 8.06
C THR A 30 -2.59 -2.19 7.83
N HIS A 31 -3.23 -1.05 7.56
CA HIS A 31 -2.52 0.19 7.35
C HIS A 31 -2.05 0.72 8.69
N ALA A 32 -0.99 1.54 8.67
CA ALA A 32 -0.44 2.11 9.89
C ALA A 32 -1.49 2.93 10.70
N SER A 33 -2.54 3.41 10.05
CA SER A 33 -3.57 4.22 10.72
C SER A 33 -4.64 3.37 11.41
N TYR A 34 -4.60 2.05 11.21
CA TYR A 34 -5.69 1.17 11.70
C TYR A 34 -5.41 0.69 13.14
N HIS A 35 -5.68 1.58 14.07
CA HIS A 35 -5.24 1.40 15.46
C HIS A 35 -6.11 0.33 16.14
N TYR A 36 -7.24 0.02 15.52
CA TYR A 36 -8.13 -1.00 16.03
C TYR A 36 -7.52 -2.40 15.98
N ASN A 37 -6.48 -2.61 15.16
CA ASN A 37 -5.77 -3.90 15.13
C ASN A 37 -4.69 -3.80 16.17
N THR A 38 -4.92 -4.47 17.28
CA THR A 38 -3.97 -4.42 18.35
C THR A 38 -3.26 -5.77 18.46
N ILE A 39 -3.59 -6.71 17.57
CA ILE A 39 -2.95 -8.02 17.56
C ILE A 39 -1.78 -8.26 16.56
N THR A 40 -1.71 -7.54 15.42
CA THR A 40 -0.52 -7.58 14.60
C THR A 40 0.01 -6.19 14.34
N ASP A 41 1.23 -6.14 13.81
CA ASP A 41 1.81 -4.92 13.27
C ASP A 41 1.05 -4.53 12.00
N CYS A 42 1.38 -3.37 11.46
CA CYS A 42 0.85 -2.94 10.18
C CYS A 42 1.62 -3.67 9.07
N TYR A 43 1.26 -3.42 7.80
CA TYR A 43 1.79 -4.21 6.69
C TYR A 43 3.20 -3.89 6.26
N GLN A 44 3.82 -2.88 6.85
CA GLN A 44 5.09 -2.39 6.30
C GLN A 44 6.25 -3.37 6.25
N ARG A 45 6.37 -4.22 7.25
CA ARG A 45 7.44 -5.19 7.23
C ARG A 45 7.25 -6.19 6.08
N LEU A 46 6.03 -6.68 5.92
CA LEU A 46 5.72 -7.60 4.91
C LEU A 46 5.81 -6.99 3.50
N GLU A 47 5.50 -5.70 3.40
CA GLU A 47 5.68 -4.98 2.13
C GLU A 47 7.17 -4.99 1.76
N PHE A 48 8.03 -4.72 2.74
CA PHE A 48 9.48 -4.70 2.51
C PHE A 48 9.93 -6.02 1.90
N LEU A 49 9.43 -7.10 2.46
CA LEU A 49 9.76 -8.44 1.99
C LEU A 49 9.16 -8.76 0.62
N GLY A 50 7.86 -8.51 0.48
CA GLY A 50 7.16 -8.85 -0.76
C GLY A 50 7.70 -8.09 -1.98
N ASP A 51 8.16 -6.89 -1.72
CA ASP A 51 8.73 -6.01 -2.72
C ASP A 51 9.88 -6.76 -3.45
N ALA A 52 10.83 -7.27 -2.67
CA ALA A 52 11.95 -8.01 -3.24
C ALA A 52 11.55 -9.34 -3.84
N ILE A 53 10.60 -10.01 -3.19
CA ILE A 53 10.07 -11.24 -3.71
C ILE A 53 9.50 -11.08 -5.13
N LEU A 54 8.68 -10.07 -5.31
CA LEU A 54 8.05 -9.83 -6.61
C LEU A 54 9.09 -9.40 -7.66
N ASP A 55 10.06 -8.60 -7.25
CA ASP A 55 11.14 -8.15 -8.14
C ASP A 55 11.91 -9.38 -8.66
N TYR A 56 12.21 -10.32 -7.78
CA TYR A 56 12.90 -11.52 -8.16
C TYR A 56 12.05 -12.41 -9.07
N LEU A 57 10.80 -12.63 -8.71
CA LEU A 57 9.96 -13.52 -9.51
C LEU A 57 9.70 -12.96 -10.91
N ILE A 58 9.46 -11.67 -11.02
CA ILE A 58 9.23 -11.04 -12.29
C ILE A 58 10.51 -11.03 -13.15
N THR A 59 11.63 -10.74 -12.49
CA THR A 59 12.93 -10.74 -13.14
C THR A 59 13.20 -12.10 -13.72
N LYS A 60 13.03 -13.11 -12.90
CA LYS A 60 13.27 -14.48 -13.35
C LYS A 60 12.38 -14.84 -14.56
N HIS A 61 11.09 -14.51 -14.48
CA HIS A 61 10.17 -14.81 -15.55
C HIS A 61 10.63 -14.13 -16.88
N LEU A 62 11.05 -12.90 -16.80
CA LEU A 62 11.43 -12.15 -17.95
C LEU A 62 12.70 -12.74 -18.54
N TYR A 63 13.65 -13.10 -17.69
CA TYR A 63 14.91 -13.67 -18.09
C TYR A 63 14.69 -14.97 -18.81
N GLU A 64 13.75 -15.78 -18.29
CA GLU A 64 13.47 -17.09 -18.91
C GLU A 64 12.51 -17.07 -20.11
N ASP A 65 11.88 -15.96 -20.44
CA ASP A 65 10.88 -15.91 -21.51
C ASP A 65 11.52 -16.33 -22.85
N PRO A 66 10.90 -17.25 -23.61
CA PRO A 66 11.57 -17.73 -24.84
C PRO A 66 11.76 -16.63 -25.88
N ARG A 67 10.96 -15.57 -25.86
CA ARG A 67 11.18 -14.45 -26.75
C ARG A 67 12.61 -13.84 -26.70
N GLN A 68 13.46 -14.40 -25.83
CA GLN A 68 14.82 -13.95 -25.49
C GLN A 68 15.05 -12.42 -25.59
N HIS A 69 14.47 -11.66 -24.66
CA HIS A 69 14.64 -10.23 -24.71
C HIS A 69 16.13 -9.86 -24.54
N SER A 70 16.58 -8.86 -25.28
CA SER A 70 17.88 -8.27 -25.05
C SER A 70 17.87 -7.43 -23.76
N PRO A 71 19.05 -7.17 -23.19
CA PRO A 71 19.16 -6.49 -21.88
C PRO A 71 18.37 -5.17 -21.75
N GLY A 72 18.41 -4.31 -22.76
CA GLY A 72 17.71 -3.04 -22.66
C GLY A 72 16.20 -3.27 -22.51
N VAL A 73 15.71 -4.24 -23.25
CA VAL A 73 14.33 -4.65 -23.20
C VAL A 73 13.93 -5.31 -21.84
N LEU A 74 14.79 -6.19 -21.32
CA LEU A 74 14.61 -6.78 -19.98
C LEU A 74 14.41 -5.70 -18.95
N THR A 75 15.29 -4.72 -18.98
CA THR A 75 15.27 -3.58 -18.09
C THR A 75 14.01 -2.72 -18.21
N ASP A 76 13.58 -2.46 -19.45
CA ASP A 76 12.39 -1.67 -19.67
C ASP A 76 11.11 -2.43 -19.19
N LEU A 77 11.03 -3.72 -19.52
CA LEU A 77 9.95 -4.54 -19.12
C LEU A 77 9.88 -4.58 -17.58
N ARG A 78 11.03 -4.80 -16.93
CA ARG A 78 11.00 -4.87 -15.48
C ARG A 78 10.48 -3.55 -14.87
N SER A 79 11.02 -2.44 -15.32
CA SER A 79 10.56 -1.12 -14.90
C SER A 79 9.06 -0.91 -15.08
N ALA A 80 8.53 -1.44 -16.16
CA ALA A 80 7.11 -1.28 -16.44
C ALA A 80 6.20 -2.26 -15.65
N LEU A 81 6.73 -3.40 -15.22
CA LEU A 81 5.96 -4.39 -14.47
C LEU A 81 6.18 -4.37 -12.93
N VAL A 82 7.21 -3.67 -12.48
CA VAL A 82 7.55 -3.59 -11.07
C VAL A 82 7.62 -2.13 -10.76
N ASN A 83 6.47 -1.56 -10.49
CA ASN A 83 6.37 -0.17 -10.07
C ASN A 83 5.01 -0.02 -9.37
N ASN A 84 4.99 0.94 -8.46
CA ASN A 84 3.85 1.15 -7.55
C ASN A 84 2.54 1.33 -8.31
N THR A 85 2.59 2.01 -9.44
CA THR A 85 1.40 2.23 -10.25
C THR A 85 0.74 0.99 -10.81
N ILE A 86 1.51 0.12 -11.42
CA ILE A 86 0.95 -1.09 -11.93
C ILE A 86 0.51 -2.05 -10.77
N PHE A 87 1.26 -2.06 -9.68
CA PHE A 87 0.92 -2.90 -8.55
C PHE A 87 -0.45 -2.42 -7.95
N ALA A 88 -0.64 -1.12 -7.89
CA ALA A 88 -1.92 -0.56 -7.42
C ALA A 88 -3.09 -0.90 -8.33
N SER A 89 -2.81 -0.87 -9.63
CA SER A 89 -3.83 -1.13 -10.60
C SER A 89 -4.22 -2.57 -10.51
N LEU A 90 -3.28 -3.47 -10.25
CA LEU A 90 -3.61 -4.86 -10.11
C LEU A 90 -4.35 -5.17 -8.78
N ALA A 91 -3.92 -4.53 -7.70
CA ALA A 91 -4.55 -4.68 -6.39
C ALA A 91 -6.05 -4.35 -6.54
N VAL A 92 -6.35 -3.22 -7.17
CA VAL A 92 -7.74 -2.78 -7.26
C VAL A 92 -8.54 -3.64 -8.22
N LYS A 93 -7.87 -4.16 -9.24
CA LYS A 93 -8.48 -5.11 -10.14
C LYS A 93 -8.86 -6.38 -9.39
N TYR A 94 -8.04 -6.81 -8.42
CA TYR A 94 -8.38 -8.03 -7.69
C TYR A 94 -9.05 -7.76 -6.33
N ASP A 95 -9.62 -6.56 -6.17
CA ASP A 95 -10.45 -6.22 -5.01
C ASP A 95 -9.71 -6.05 -3.70
N TYR A 96 -8.41 -5.77 -3.72
CA TYR A 96 -7.63 -5.70 -2.50
C TYR A 96 -8.19 -4.56 -1.64
N HIS A 97 -8.63 -3.48 -2.30
CA HIS A 97 -9.18 -2.35 -1.61
C HIS A 97 -10.43 -2.69 -0.73
N LYS A 98 -11.08 -3.81 -0.97
CA LYS A 98 -12.26 -4.16 -0.18
C LYS A 98 -11.89 -4.78 1.17
N TYR A 99 -10.62 -5.17 1.33
CA TYR A 99 -10.18 -5.83 2.57
C TYR A 99 -9.14 -5.05 3.29
N PHE A 100 -8.67 -3.98 2.66
CA PHE A 100 -7.77 -3.02 3.25
C PHE A 100 -8.39 -2.47 4.53
N LYS A 101 -7.59 -2.27 5.57
CA LYS A 101 -8.06 -1.72 6.83
C LYS A 101 -7.30 -0.48 7.12
N ALA A 102 -8.03 0.62 7.23
CA ALA A 102 -7.45 1.91 7.57
C ALA A 102 -8.48 2.83 8.25
N VAL A 103 -8.00 3.93 8.80
CA VAL A 103 -8.87 4.97 9.31
C VAL A 103 -8.35 6.25 8.70
N SER A 104 -8.86 6.59 7.52
CA SER A 104 -8.31 7.72 6.75
C SER A 104 -9.32 8.20 5.68
N PRO A 105 -9.97 9.33 5.93
CA PRO A 105 -10.82 9.93 4.90
C PRO A 105 -10.01 10.31 3.64
N GLU A 106 -8.75 10.71 3.80
CA GLU A 106 -7.88 11.07 2.66
C GLU A 106 -7.56 9.88 1.74
N LEU A 107 -7.18 8.74 2.33
CA LEU A 107 -7.04 7.49 1.59
C LEU A 107 -8.33 7.09 0.93
N PHE A 108 -9.44 7.23 1.65
CA PHE A 108 -10.69 6.81 1.06
C PHE A 108 -10.85 7.55 -0.29
N HIS A 109 -10.57 8.83 -0.28
CA HIS A 109 -10.84 9.68 -1.46
C HIS A 109 -9.97 9.24 -2.65
N VAL A 110 -8.68 9.13 -2.40
CA VAL A 110 -7.73 8.76 -3.42
C VAL A 110 -8.00 7.39 -3.95
N ILE A 111 -8.31 6.44 -3.06
CA ILE A 111 -8.60 5.10 -3.51
C ILE A 111 -9.85 5.07 -4.34
N ASP A 112 -10.90 5.72 -3.84
CA ASP A 112 -12.19 5.71 -4.54
C ASP A 112 -12.09 6.27 -5.98
N ASP A 113 -11.47 7.45 -6.15
CA ASP A 113 -11.24 8.06 -7.46
C ASP A 113 -10.43 7.10 -8.35
N PHE A 114 -9.38 6.49 -7.80
CA PHE A 114 -8.51 5.62 -8.58
C PHE A 114 -9.27 4.37 -8.99
N VAL A 115 -10.07 3.83 -8.09
CA VAL A 115 -10.79 2.64 -8.47
C VAL A 115 -11.78 2.91 -9.61
N GLN A 116 -12.44 4.07 -9.56
CA GLN A 116 -13.43 4.43 -10.57
C GLN A 116 -12.72 4.62 -11.91
N PHE A 117 -11.67 5.40 -11.89
CA PHE A 117 -10.90 5.66 -13.09
C PHE A 117 -10.39 4.38 -13.76
N GLN A 118 -9.96 3.40 -12.96
CA GLN A 118 -9.45 2.15 -13.49
C GLN A 118 -10.57 1.37 -14.18
N LEU A 119 -11.78 1.39 -13.60
CA LEU A 119 -12.90 0.64 -14.19
C LEU A 119 -13.32 1.19 -15.57
N GLU A 120 -13.32 2.50 -15.74
CA GLU A 120 -13.51 3.09 -17.09
C GLU A 120 -12.36 2.75 -18.09
N LYS A 121 -11.18 2.40 -17.57
CA LYS A 121 -10.09 1.79 -18.38
C LYS A 121 -10.16 0.25 -18.28
N GLU A 142 -3.36 10.00 -16.26
CA GLU A 142 -1.99 10.51 -16.11
C GLU A 142 -1.85 11.52 -14.97
N ASP A 143 -2.95 12.25 -14.66
CA ASP A 143 -3.02 13.16 -13.50
C ASP A 143 -3.91 12.61 -12.35
N ILE A 144 -4.62 11.51 -12.58
CA ILE A 144 -5.25 10.77 -11.47
C ILE A 144 -4.16 10.35 -10.45
N GLU A 145 -4.41 10.65 -9.20
CA GLU A 145 -3.45 10.38 -8.14
C GLU A 145 -3.52 8.88 -7.87
N VAL A 146 -2.37 8.25 -7.91
CA VAL A 146 -2.29 6.83 -7.65
C VAL A 146 -2.19 6.66 -6.16
N PRO A 147 -3.03 5.82 -5.58
CA PRO A 147 -2.92 5.54 -4.14
C PRO A 147 -1.77 4.57 -3.87
N LYS A 148 -0.66 5.09 -3.36
CA LYS A 148 0.51 4.26 -3.13
C LYS A 148 0.21 3.03 -2.26
N ALA A 149 -0.76 3.16 -1.34
CA ALA A 149 -1.05 2.06 -0.40
C ALA A 149 -1.55 0.85 -1.13
N MET A 150 -2.19 1.02 -2.27
CA MET A 150 -2.73 -0.14 -2.96
C MET A 150 -1.59 -0.94 -3.58
N GLY A 151 -0.54 -0.24 -4.05
CA GLY A 151 0.63 -0.96 -4.52
C GLY A 151 1.36 -1.65 -3.36
N ASP A 152 1.39 -0.98 -2.23
CA ASP A 152 2.03 -1.53 -1.08
C ASP A 152 1.38 -2.78 -0.56
N ILE A 153 0.06 -2.94 -0.69
CA ILE A 153 -0.53 -4.16 -0.23
C ILE A 153 -0.49 -5.25 -1.28
N PHE A 154 -0.27 -4.89 -2.53
CA PHE A 154 0.08 -5.90 -3.51
C PHE A 154 1.40 -6.56 -3.10
N GLU A 155 2.34 -5.77 -2.62
CA GLU A 155 3.61 -6.27 -2.12
C GLU A 155 3.45 -7.03 -0.79
N SER A 156 2.69 -6.45 0.15
CA SER A 156 2.59 -7.01 1.51
C SER A 156 1.93 -8.38 1.46
N LEU A 157 0.95 -8.54 0.59
CA LEU A 157 0.29 -9.82 0.50
C LEU A 157 1.21 -10.89 -0.05
N ALA A 158 2.07 -10.52 -1.00
CA ALA A 158 3.08 -11.46 -1.48
C ALA A 158 3.99 -11.89 -0.32
N GLY A 159 4.38 -10.95 0.51
CA GLY A 159 5.16 -11.28 1.69
C GLY A 159 4.41 -12.19 2.66
N ALA A 160 3.12 -11.91 2.85
CA ALA A 160 2.30 -12.71 3.73
C ALA A 160 2.21 -14.13 3.23
N ILE A 161 1.91 -14.32 1.94
CA ILE A 161 1.83 -15.65 1.37
C ILE A 161 3.17 -16.42 1.50
N TYR A 162 4.25 -15.70 1.25
CA TYR A 162 5.56 -16.24 1.39
C TYR A 162 5.73 -16.77 2.80
N MET A 163 5.42 -15.96 3.79
CA MET A 163 5.64 -16.34 5.17
C MET A 163 4.69 -17.49 5.56
N ASP A 164 3.43 -17.40 5.14
CA ASP A 164 2.41 -18.42 5.46
C ASP A 164 2.73 -19.78 4.89
N SER A 165 3.37 -19.81 3.74
CA SER A 165 3.65 -21.09 3.07
C SER A 165 5.02 -21.69 3.45
N GLY A 166 5.65 -21.23 4.51
CA GLY A 166 6.99 -21.71 4.91
C GLY A 166 8.13 -21.14 4.03
N MET A 167 7.99 -19.87 3.62
CA MET A 167 8.93 -19.16 2.77
C MET A 167 9.09 -19.82 1.42
N SER A 168 7.96 -20.03 0.76
CA SER A 168 7.90 -20.66 -0.55
C SER A 168 7.68 -19.65 -1.69
N LEU A 169 8.73 -19.42 -2.48
CA LEU A 169 8.64 -18.52 -3.63
C LEU A 169 7.67 -19.08 -4.66
N GLU A 170 7.70 -20.39 -4.80
CA GLU A 170 6.87 -21.04 -5.79
C GLU A 170 5.38 -20.83 -5.42
N THR A 171 5.03 -20.88 -4.16
CA THR A 171 3.61 -20.61 -3.79
C THR A 171 3.22 -19.19 -4.10
N VAL A 172 4.13 -18.24 -3.81
CA VAL A 172 3.81 -16.87 -4.13
C VAL A 172 3.52 -16.75 -5.60
N TRP A 173 4.37 -17.36 -6.44
CA TRP A 173 4.24 -17.19 -7.89
C TRP A 173 3.00 -17.90 -8.46
N GLN A 174 2.65 -19.03 -7.87
CA GLN A 174 1.36 -19.70 -8.18
C GLN A 174 0.14 -18.78 -8.01
N VAL A 175 0.18 -17.96 -6.97
CA VAL A 175 -0.87 -16.96 -6.75
C VAL A 175 -0.72 -15.74 -7.64
N TYR A 176 0.52 -15.20 -7.74
CA TYR A 176 0.69 -13.88 -8.35
C TYR A 176 0.78 -13.92 -9.91
N TYR A 177 1.34 -14.97 -10.46
CA TYR A 177 1.48 -15.06 -11.93
C TYR A 177 0.15 -14.86 -12.68
N PRO A 178 -0.93 -15.58 -12.29
CA PRO A 178 -2.25 -15.34 -12.91
C PRO A 178 -2.69 -13.90 -12.86
N MET A 179 -2.40 -13.15 -11.79
CA MET A 179 -2.81 -11.77 -11.79
C MET A 179 -1.96 -10.89 -12.70
N MET A 180 -0.69 -11.24 -12.82
CA MET A 180 0.19 -10.42 -13.65
C MET A 180 0.32 -10.84 -15.13
N ARG A 181 -0.05 -12.06 -15.44
CA ARG A 181 0.10 -12.57 -16.80
C ARG A 181 -0.42 -11.66 -17.92
N PRO A 182 -1.62 -11.10 -17.83
CA PRO A 182 -2.07 -10.21 -18.91
C PRO A 182 -1.17 -9.00 -19.14
N LEU A 183 -0.70 -8.33 -18.11
CA LEU A 183 0.16 -7.19 -18.35
C LEU A 183 1.53 -7.70 -18.87
N ILE A 184 2.02 -8.80 -18.32
CA ILE A 184 3.28 -9.36 -18.75
C ILE A 184 3.19 -9.64 -20.26
N GLU A 185 2.11 -10.27 -20.70
CA GLU A 185 1.98 -10.60 -22.14
C GLU A 185 1.80 -9.37 -22.96
N LYS A 186 0.98 -8.45 -22.50
CA LYS A 186 0.78 -7.24 -23.25
C LYS A 186 2.08 -6.46 -23.43
N PHE A 187 2.84 -6.29 -22.35
CA PHE A 187 4.06 -5.50 -22.40
C PHE A 187 5.18 -6.20 -23.15
N SER A 188 5.22 -7.52 -23.08
CA SER A 188 6.30 -8.30 -23.67
C SER A 188 6.11 -8.43 -25.19
N ALA A 189 4.90 -8.19 -25.67
CA ALA A 189 4.65 -8.06 -27.10
C ALA A 189 4.99 -6.62 -27.58
N ASN A 190 4.47 -5.59 -26.88
CA ASN A 190 4.74 -4.15 -27.16
C ASN A 190 5.27 -3.32 -25.95
N VAL A 191 6.59 -3.30 -25.75
CA VAL A 191 7.24 -2.71 -24.55
C VAL A 191 7.03 -1.19 -24.38
N PRO A 192 6.38 -0.72 -23.30
CA PRO A 192 6.12 0.73 -23.11
C PRO A 192 7.26 1.69 -23.62
N ASN B 2 -16.54 1.99 -3.65
CA ASN B 2 -17.01 0.57 -3.36
C ASN B 2 -18.54 0.58 -3.56
N HIS B 3 -19.27 -0.44 -3.08
CA HIS B 3 -20.71 -0.24 -2.88
C HIS B 3 -20.94 0.52 -1.56
N LEU B 4 -19.84 0.90 -0.86
CA LEU B 4 -19.98 1.65 0.39
C LEU B 4 -20.68 2.98 0.16
N ILE B 5 -20.47 3.61 -0.99
CA ILE B 5 -21.09 4.90 -1.25
C ILE B 5 -22.17 4.94 -2.32
N SER B 6 -22.54 3.79 -2.88
CA SER B 6 -23.57 3.85 -3.90
C SER B 6 -24.91 4.28 -3.29
N GLY B 7 -25.65 5.07 -4.05
CA GLY B 7 -26.94 5.56 -3.58
C GLY B 7 -26.85 6.90 -2.86
N PHE B 8 -25.64 7.29 -2.44
CA PHE B 8 -25.41 8.54 -1.70
C PHE B 8 -25.80 9.79 -2.47
N GLU B 9 -25.57 9.79 -3.79
CA GLU B 9 -26.00 10.90 -4.67
C GLU B 9 -27.48 11.28 -4.43
N ASN B 10 -28.34 10.31 -4.17
CA ASN B 10 -29.75 10.66 -3.88
C ASN B 10 -29.91 11.40 -2.53
N PHE B 11 -29.06 11.04 -1.58
CA PHE B 11 -29.14 11.78 -0.31
C PHE B 11 -28.63 13.19 -0.51
N GLU B 12 -27.58 13.34 -1.31
CA GLU B 12 -26.99 14.66 -1.49
C GLU B 12 -28.00 15.63 -2.11
N LYS B 13 -28.85 15.12 -3.00
CA LYS B 13 -29.94 15.91 -3.57
C LYS B 13 -31.00 16.22 -2.54
N LYS B 14 -31.39 15.24 -1.73
CA LYS B 14 -32.39 15.47 -0.70
C LYS B 14 -32.01 16.63 0.27
N ILE B 15 -30.74 16.77 0.63
CA ILE B 15 -30.35 17.79 1.60
C ILE B 15 -29.67 18.99 0.94
N ASN B 16 -29.55 18.94 -0.37
CA ASN B 16 -28.96 20.02 -1.14
C ASN B 16 -27.49 20.35 -0.76
N TYR B 17 -26.67 19.30 -0.66
CA TYR B 17 -25.25 19.44 -0.41
C TYR B 17 -24.51 18.30 -1.05
N ARG B 18 -23.48 18.60 -1.80
CA ARG B 18 -22.71 17.59 -2.45
C ARG B 18 -21.38 17.57 -1.76
N PHE B 19 -21.00 16.40 -1.26
CA PHE B 19 -19.69 16.25 -0.61
C PHE B 19 -18.53 16.35 -1.59
N LYS B 20 -17.49 17.08 -1.19
CA LYS B 20 -16.21 17.05 -1.90
C LYS B 20 -15.50 15.75 -1.66
N ASN B 21 -15.53 15.27 -0.40
CA ASN B 21 -14.97 13.95 -0.07
C ASN B 21 -16.05 13.09 0.56
N LYS B 22 -16.53 12.11 -0.20
CA LYS B 22 -17.62 11.28 0.25
C LYS B 22 -17.22 10.44 1.49
N ALA B 23 -15.95 10.35 1.82
CA ALA B 23 -15.55 9.67 3.07
C ALA B 23 -16.30 10.21 4.34
N TYR B 24 -16.56 11.53 4.38
CA TYR B 24 -17.12 12.13 5.58
C TYR B 24 -18.58 11.73 5.66
N LEU B 25 -19.24 11.63 4.52
CA LEU B 25 -20.61 11.26 4.44
C LEU B 25 -20.74 9.81 4.84
N LEU B 26 -19.79 9.00 4.37
CA LEU B 26 -19.79 7.60 4.70
C LEU B 26 -19.62 7.42 6.21
N GLN B 27 -18.65 8.12 6.77
CA GLN B 27 -18.36 8.04 8.19
C GLN B 27 -19.59 8.45 8.99
N ALA B 28 -20.31 9.46 8.54
CA ALA B 28 -21.48 9.97 9.26
C ALA B 28 -22.54 8.94 9.42
N PHE B 29 -22.69 8.05 8.43
CA PHE B 29 -23.76 7.08 8.41
C PHE B 29 -23.29 5.68 8.84
N THR B 30 -22.03 5.54 9.24
CA THR B 30 -21.50 4.26 9.62
C THR B 30 -21.66 4.03 11.14
N HIS B 31 -22.59 3.17 11.48
CA HIS B 31 -22.77 2.78 12.87
C HIS B 31 -21.59 1.88 13.33
N ALA B 32 -21.29 1.88 14.63
CA ALA B 32 -20.23 1.03 15.19
C ALA B 32 -20.35 -0.46 14.83
N SER B 33 -21.57 -0.95 14.58
CA SER B 33 -21.78 -2.36 14.25
C SER B 33 -21.45 -2.69 12.80
N TYR B 34 -21.18 -1.67 11.97
CA TYR B 34 -21.07 -1.91 10.54
C TYR B 34 -19.60 -2.29 10.17
N HIS B 35 -19.30 -3.57 10.39
CA HIS B 35 -17.94 -4.10 10.26
C HIS B 35 -17.47 -4.16 8.79
N TYR B 36 -18.38 -4.01 7.85
CA TYR B 36 -18.04 -3.98 6.45
C TYR B 36 -17.27 -2.72 6.02
N ASN B 37 -17.36 -1.62 6.81
CA ASN B 37 -16.55 -0.43 6.54
C ASN B 37 -15.25 -0.51 7.36
N THR B 38 -14.12 -0.75 6.69
CA THR B 38 -12.82 -0.71 7.38
C THR B 38 -11.90 0.35 6.74
N ILE B 39 -12.50 1.41 6.18
CA ILE B 39 -11.70 2.49 5.62
C ILE B 39 -11.92 3.84 6.37
N THR B 40 -13.12 4.06 6.95
CA THR B 40 -13.30 5.15 7.90
C THR B 40 -13.68 4.68 9.27
N ASP B 41 -13.52 5.58 10.22
CA ASP B 41 -14.09 5.43 11.54
C ASP B 41 -15.65 5.32 11.41
N CYS B 42 -16.27 4.89 12.51
CA CYS B 42 -17.71 5.01 12.69
C CYS B 42 -18.14 6.49 13.00
N TYR B 43 -19.43 6.76 13.07
CA TYR B 43 -19.88 8.19 13.20
C TYR B 43 -19.66 8.88 14.54
N GLN B 44 -19.23 8.15 15.57
CA GLN B 44 -19.23 8.71 16.91
C GLN B 44 -18.39 9.97 17.10
N ARG B 45 -17.18 10.02 16.53
CA ARG B 45 -16.42 11.25 16.62
C ARG B 45 -17.09 12.42 15.92
N LEU B 46 -17.73 12.18 14.79
CA LEU B 46 -18.42 13.24 14.09
C LEU B 46 -19.71 13.70 14.82
N GLU B 47 -20.36 12.76 15.51
CA GLU B 47 -21.51 13.05 16.34
C GLU B 47 -21.10 13.99 17.46
N PHE B 48 -19.97 13.70 18.10
CA PHE B 48 -19.43 14.51 19.20
C PHE B 48 -19.27 15.94 18.71
N LEU B 49 -18.69 16.10 17.53
CA LEU B 49 -18.45 17.42 16.97
C LEU B 49 -19.76 18.10 16.56
N GLY B 50 -20.59 17.37 15.81
CA GLY B 50 -21.83 17.92 15.30
C GLY B 50 -22.81 18.32 16.39
N ASP B 51 -22.75 17.63 17.51
CA ASP B 51 -23.55 17.92 18.63
C ASP B 51 -23.35 19.38 19.10
N ALA B 52 -22.10 19.76 19.37
CA ALA B 52 -21.81 21.11 19.79
C ALA B 52 -22.06 22.12 18.65
N ILE B 53 -21.73 21.74 17.41
CA ILE B 53 -22.03 22.60 16.25
C ILE B 53 -23.53 23.00 16.20
N LEU B 54 -24.43 22.03 16.26
CA LEU B 54 -25.84 22.33 16.20
C LEU B 54 -26.35 23.15 17.44
N ASP B 55 -25.85 22.83 18.63
CA ASP B 55 -26.13 23.61 19.84
C ASP B 55 -25.73 25.06 19.62
N TYR B 56 -24.53 25.32 19.09
CA TYR B 56 -24.13 26.68 18.81
C TYR B 56 -25.02 27.36 17.75
N LEU B 57 -25.24 26.71 16.64
CA LEU B 57 -25.98 27.32 15.55
C LEU B 57 -27.44 27.65 15.98
N ILE B 58 -28.05 26.74 16.71
CA ILE B 58 -29.40 26.94 17.17
C ILE B 58 -29.46 28.05 18.24
N THR B 59 -28.53 27.99 19.20
CA THR B 59 -28.42 28.99 20.23
C THR B 59 -28.29 30.37 19.63
N LYS B 60 -27.40 30.48 18.65
CA LYS B 60 -27.11 31.76 18.00
C LYS B 60 -28.39 32.29 17.32
N HIS B 61 -29.06 31.43 16.56
CA HIS B 61 -30.32 31.81 15.90
C HIS B 61 -31.36 32.31 16.93
N LEU B 62 -31.51 31.60 18.04
CA LEU B 62 -32.45 31.99 19.05
C LEU B 62 -32.11 33.36 19.64
N TYR B 63 -30.82 33.57 19.89
CA TYR B 63 -30.35 34.75 20.53
C TYR B 63 -30.54 35.96 19.62
N GLU B 64 -30.30 35.78 18.31
CA GLU B 64 -30.42 36.84 17.31
C GLU B 64 -31.88 37.13 16.90
N ASP B 65 -32.83 36.30 17.32
CA ASP B 65 -34.19 36.52 16.89
C ASP B 65 -34.63 37.94 17.37
N PRO B 66 -35.16 38.76 16.46
CA PRO B 66 -35.56 40.14 16.83
C PRO B 66 -36.58 40.25 18.01
N ARG B 67 -37.37 39.21 18.29
CA ARG B 67 -38.23 39.25 19.48
C ARG B 67 -37.47 39.33 20.80
N GLN B 68 -36.15 39.31 20.76
CA GLN B 68 -35.36 39.41 21.99
C GLN B 68 -36.02 38.56 23.12
N HIS B 69 -36.08 37.26 22.90
CA HIS B 69 -36.65 36.36 23.87
C HIS B 69 -36.01 36.55 25.21
N SER B 70 -36.81 36.45 26.24
CA SER B 70 -36.30 36.39 27.55
C SER B 70 -35.39 35.15 27.75
N PRO B 71 -34.51 35.23 28.73
CA PRO B 71 -33.66 34.08 29.11
C PRO B 71 -34.43 32.76 29.37
N GLY B 72 -35.58 32.86 30.06
CA GLY B 72 -36.42 31.71 30.33
C GLY B 72 -36.95 31.08 29.06
N VAL B 73 -37.42 31.93 28.16
CA VAL B 73 -37.89 31.51 26.86
C VAL B 73 -36.76 30.93 25.95
N LEU B 74 -35.61 31.58 25.91
CA LEU B 74 -34.48 31.05 25.17
C LEU B 74 -34.13 29.62 25.63
N THR B 75 -34.11 29.41 26.93
CA THR B 75 -33.79 28.15 27.52
C THR B 75 -34.81 27.05 27.14
N ASP B 76 -36.08 27.41 27.24
CA ASP B 76 -37.17 26.52 26.85
C ASP B 76 -37.09 26.19 25.33
N LEU B 77 -36.84 27.18 24.50
CA LEU B 77 -36.82 26.93 23.09
C LEU B 77 -35.62 26.04 22.75
N ARG B 78 -34.48 26.29 23.43
CA ARG B 78 -33.29 25.52 23.13
C ARG B 78 -33.54 24.05 23.51
N SER B 79 -34.09 23.81 24.69
CA SER B 79 -34.45 22.46 25.12
C SER B 79 -35.39 21.77 24.15
N ALA B 80 -36.36 22.49 23.60
CA ALA B 80 -37.30 21.86 22.70
C ALA B 80 -36.69 21.61 21.33
N LEU B 81 -35.64 22.34 20.96
CA LEU B 81 -35.07 22.20 19.63
C LEU B 81 -33.79 21.33 19.54
N VAL B 82 -33.10 21.21 20.66
CA VAL B 82 -31.83 20.49 20.72
C VAL B 82 -32.12 19.34 21.63
N ASN B 83 -32.70 18.30 21.05
CA ASN B 83 -32.92 17.06 21.75
C ASN B 83 -33.05 15.92 20.74
N ASN B 84 -32.80 14.72 21.26
CA ASN B 84 -32.66 13.53 20.47
C ASN B 84 -33.97 13.18 19.80
N THR B 85 -35.12 13.52 20.42
CA THR B 85 -36.41 13.31 19.77
C THR B 85 -36.69 14.15 18.54
N ILE B 86 -36.47 15.46 18.63
CA ILE B 86 -36.61 16.28 17.45
C ILE B 86 -35.56 15.88 16.40
N PHE B 87 -34.32 15.63 16.83
CA PHE B 87 -33.25 15.33 15.87
C PHE B 87 -33.62 14.03 15.10
N ALA B 88 -34.11 13.03 15.83
CA ALA B 88 -34.56 11.76 15.21
C ALA B 88 -35.69 11.96 14.25
N SER B 89 -36.67 12.78 14.65
CA SER B 89 -37.81 13.10 13.78
C SER B 89 -37.35 13.74 12.54
N LEU B 90 -36.41 14.69 12.66
CA LEU B 90 -35.93 15.36 11.49
C LEU B 90 -35.07 14.45 10.61
N ALA B 91 -34.27 13.58 11.22
CA ALA B 91 -33.44 12.68 10.42
C ALA B 91 -34.38 11.79 9.54
N VAL B 92 -35.37 11.20 10.19
CA VAL B 92 -36.28 10.29 9.53
C VAL B 92 -37.08 11.04 8.45
N LYS B 93 -37.38 12.32 8.70
CA LYS B 93 -38.13 13.15 7.74
C LYS B 93 -37.33 13.34 6.48
N TYR B 94 -36.02 13.44 6.61
CA TYR B 94 -35.16 13.66 5.45
C TYR B 94 -34.50 12.38 5.01
N ASP B 95 -35.11 11.25 5.33
CA ASP B 95 -34.66 9.95 4.82
C ASP B 95 -33.29 9.42 5.31
N TYR B 96 -32.77 9.97 6.40
CA TYR B 96 -31.44 9.52 6.88
C TYR B 96 -31.43 8.01 7.12
N HIS B 97 -32.55 7.46 7.59
CA HIS B 97 -32.63 6.03 7.90
C HIS B 97 -32.38 5.13 6.67
N LYS B 98 -32.53 5.67 5.46
CA LYS B 98 -32.28 4.90 4.24
C LYS B 98 -30.80 4.75 3.90
N TYR B 99 -29.97 5.64 4.44
CA TYR B 99 -28.55 5.63 4.12
C TYR B 99 -27.71 5.16 5.30
N PHE B 100 -28.35 5.02 6.45
CA PHE B 100 -27.75 4.49 7.68
C PHE B 100 -27.13 3.11 7.42
N LYS B 101 -25.95 2.86 7.97
CA LYS B 101 -25.29 1.56 7.81
C LYS B 101 -25.03 0.91 9.17
N ALA B 102 -25.62 -0.26 9.39
CA ALA B 102 -25.45 -1.00 10.61
C ALA B 102 -25.66 -2.49 10.36
N VAL B 103 -25.31 -3.33 11.33
CA VAL B 103 -25.68 -4.73 11.27
C VAL B 103 -26.36 -4.96 12.60
N SER B 104 -27.67 -4.82 12.63
CA SER B 104 -28.38 -4.82 13.91
C SER B 104 -29.88 -5.03 13.74
N PRO B 105 -30.33 -6.23 14.01
CA PRO B 105 -31.77 -6.51 14.03
C PRO B 105 -32.57 -5.67 15.06
N GLU B 106 -31.94 -5.39 16.18
CA GLU B 106 -32.48 -4.52 17.23
C GLU B 106 -32.69 -3.08 16.70
N LEU B 107 -31.70 -2.51 16.03
CA LEU B 107 -31.85 -1.15 15.49
C LEU B 107 -32.88 -1.15 14.40
N PHE B 108 -32.94 -2.22 13.61
CA PHE B 108 -33.94 -2.27 12.56
C PHE B 108 -35.33 -2.14 13.16
N HIS B 109 -35.60 -2.84 14.25
CA HIS B 109 -36.95 -2.87 14.83
C HIS B 109 -37.37 -1.49 15.38
N VAL B 110 -36.51 -0.90 16.20
CA VAL B 110 -36.78 0.41 16.76
C VAL B 110 -36.88 1.49 15.67
N ILE B 111 -35.97 1.51 14.69
CA ILE B 111 -36.07 2.48 13.64
C ILE B 111 -37.33 2.32 12.80
N ASP B 112 -37.62 1.07 12.42
CA ASP B 112 -38.81 0.79 11.59
C ASP B 112 -40.10 1.18 12.29
N ASP B 113 -40.25 0.80 13.56
CA ASP B 113 -41.44 1.20 14.31
C ASP B 113 -41.59 2.73 14.32
N PHE B 114 -40.50 3.42 14.59
CA PHE B 114 -40.53 4.86 14.69
C PHE B 114 -40.86 5.49 13.36
N VAL B 115 -40.23 5.02 12.29
CA VAL B 115 -40.43 5.60 10.99
C VAL B 115 -41.91 5.46 10.60
N GLN B 116 -42.50 4.33 10.96
CA GLN B 116 -43.91 4.08 10.67
C GLN B 116 -44.85 4.91 11.56
N PHE B 117 -44.58 5.00 12.87
CA PHE B 117 -45.31 5.91 13.73
C PHE B 117 -45.32 7.33 13.12
N GLN B 118 -44.18 7.80 12.62
CA GLN B 118 -44.07 9.16 12.09
C GLN B 118 -44.82 9.36 10.77
N LEU B 119 -44.83 8.36 9.90
CA LEU B 119 -45.54 8.47 8.62
C LEU B 119 -47.05 8.66 8.84
N GLU B 120 -47.57 8.06 9.91
CA GLU B 120 -48.97 8.20 10.27
C GLU B 120 -49.41 9.66 10.59
N LYS B 121 -48.54 10.42 11.26
CA LYS B 121 -48.87 11.79 11.69
C LYS B 121 -48.73 12.87 10.60
N GLU B 142 -46.71 10.36 22.74
CA GLU B 142 -45.34 9.86 22.80
C GLU B 142 -45.23 8.49 23.50
N ASP B 143 -45.97 7.48 22.97
CA ASP B 143 -45.83 6.07 23.41
C ASP B 143 -45.17 5.22 22.31
N ILE B 144 -43.85 5.43 22.16
CA ILE B 144 -43.05 4.76 21.13
C ILE B 144 -41.56 5.03 21.39
N GLU B 145 -40.72 4.01 21.19
CA GLU B 145 -39.31 4.16 21.45
C GLU B 145 -38.67 5.04 20.36
N VAL B 146 -37.97 6.07 20.80
CA VAL B 146 -37.29 6.95 19.88
C VAL B 146 -35.89 6.38 19.65
N PRO B 147 -35.56 6.05 18.41
CA PRO B 147 -34.22 5.47 18.08
C PRO B 147 -33.16 6.56 18.19
N LYS B 148 -32.36 6.49 19.24
CA LYS B 148 -31.33 7.49 19.52
C LYS B 148 -30.34 7.61 18.35
N ALA B 149 -30.10 6.50 17.68
CA ALA B 149 -29.13 6.50 16.58
C ALA B 149 -29.57 7.49 15.50
N MET B 150 -30.87 7.67 15.32
CA MET B 150 -31.34 8.59 14.30
C MET B 150 -31.02 10.06 14.71
N GLY B 151 -31.12 10.35 15.99
CA GLY B 151 -30.68 11.65 16.50
C GLY B 151 -29.16 11.80 16.38
N ASP B 152 -28.45 10.71 16.65
CA ASP B 152 -27.01 10.76 16.54
C ASP B 152 -26.49 11.01 15.12
N ILE B 153 -27.14 10.49 14.09
CA ILE B 153 -26.64 10.77 12.74
C ILE B 153 -27.14 12.11 12.22
N PHE B 154 -28.21 12.65 12.81
CA PHE B 154 -28.51 14.07 12.56
C PHE B 154 -27.32 14.94 12.99
N GLU B 155 -26.74 14.58 14.12
CA GLU B 155 -25.55 15.29 14.63
C GLU B 155 -24.32 14.94 13.80
N SER B 156 -24.10 13.65 13.54
CA SER B 156 -22.83 13.29 12.81
C SER B 156 -22.77 13.92 11.43
N LEU B 157 -23.90 14.01 10.77
CA LEU B 157 -23.85 14.55 9.41
C LEU B 157 -23.50 16.03 9.45
N ALA B 158 -23.95 16.74 10.48
CA ALA B 158 -23.54 18.12 10.65
C ALA B 158 -22.02 18.20 10.80
N GLY B 159 -21.47 17.30 11.59
CA GLY B 159 -20.03 17.21 11.74
C GLY B 159 -19.35 16.90 10.41
N ALA B 160 -19.94 16.00 9.62
CA ALA B 160 -19.34 15.63 8.35
C ALA B 160 -19.34 16.80 7.39
N ILE B 161 -20.44 17.55 7.33
CA ILE B 161 -20.45 18.73 6.44
C ILE B 161 -19.43 19.75 6.90
N TYR B 162 -19.39 19.97 8.19
CA TYR B 162 -18.35 20.83 8.74
C TYR B 162 -16.96 20.41 8.30
N MET B 163 -16.63 19.13 8.41
CA MET B 163 -15.29 18.71 8.06
C MET B 163 -15.10 18.80 6.54
N ASP B 164 -16.09 18.38 5.80
CA ASP B 164 -15.96 18.41 4.34
C ASP B 164 -15.75 19.82 3.79
N SER B 165 -16.37 20.82 4.41
CA SER B 165 -16.35 22.18 3.88
C SER B 165 -15.20 23.02 4.39
N GLY B 166 -14.19 22.40 5.02
CA GLY B 166 -13.08 23.14 5.59
C GLY B 166 -13.42 23.80 6.93
N MET B 167 -14.23 23.13 7.73
CA MET B 167 -14.66 23.64 9.04
C MET B 167 -15.49 24.94 8.94
N SER B 168 -16.48 24.94 8.04
CA SER B 168 -17.36 26.07 7.84
C SER B 168 -18.73 25.89 8.54
N LEU B 169 -18.93 26.64 9.62
CA LEU B 169 -20.21 26.66 10.30
C LEU B 169 -21.30 27.18 9.37
N GLU B 170 -20.94 28.14 8.55
CA GLU B 170 -21.90 28.77 7.61
C GLU B 170 -22.48 27.71 6.65
N THR B 171 -21.61 26.85 6.13
CA THR B 171 -22.05 25.77 5.22
C THR B 171 -22.94 24.79 5.93
N VAL B 172 -22.60 24.40 7.17
CA VAL B 172 -23.47 23.52 7.92
C VAL B 172 -24.88 24.15 8.02
N TRP B 173 -24.93 25.44 8.35
CA TRP B 173 -26.21 26.06 8.66
C TRP B 173 -27.01 26.26 7.37
N GLN B 174 -26.33 26.48 6.25
CA GLN B 174 -27.02 26.52 4.94
C GLN B 174 -27.79 25.23 4.69
N VAL B 175 -27.22 24.11 5.13
CA VAL B 175 -27.89 22.85 4.96
C VAL B 175 -28.91 22.60 6.00
N TYR B 176 -28.59 22.92 7.25
CA TYR B 176 -29.41 22.50 8.35
C TYR B 176 -30.58 23.44 8.67
N TYR B 177 -30.37 24.72 8.46
CA TYR B 177 -31.43 25.69 8.77
C TYR B 177 -32.75 25.32 8.07
N PRO B 178 -32.77 25.05 6.77
CA PRO B 178 -34.02 24.65 6.07
C PRO B 178 -34.72 23.50 6.70
N MET B 179 -33.94 22.57 7.28
CA MET B 179 -34.55 21.43 7.91
C MET B 179 -35.17 21.75 9.17
N MET B 180 -34.54 22.66 9.90
CA MET B 180 -35.02 22.92 11.26
C MET B 180 -36.00 24.09 11.27
N ARG B 181 -36.03 24.88 10.16
CA ARG B 181 -36.78 26.14 10.19
C ARG B 181 -38.26 25.96 10.60
N PRO B 182 -38.98 24.99 10.02
CA PRO B 182 -40.39 24.83 10.38
C PRO B 182 -40.61 24.62 11.87
N LEU B 183 -39.75 23.87 12.55
CA LEU B 183 -39.99 23.69 13.98
C LEU B 183 -39.54 24.91 14.79
N ILE B 184 -38.46 25.56 14.36
CA ILE B 184 -38.00 26.77 15.02
C ILE B 184 -39.14 27.83 14.98
N GLU B 185 -39.71 28.04 13.80
CA GLU B 185 -40.81 29.00 13.66
C GLU B 185 -42.01 28.56 14.46
N LYS B 186 -42.33 27.28 14.44
CA LYS B 186 -43.53 26.85 15.14
C LYS B 186 -43.35 27.10 16.63
N PHE B 187 -42.25 26.61 17.21
CA PHE B 187 -42.05 26.73 18.66
C PHE B 187 -41.91 28.19 19.08
N SER B 188 -41.27 29.02 18.27
CA SER B 188 -41.10 30.43 18.60
C SER B 188 -42.44 31.25 18.63
N ALA B 189 -43.47 30.79 17.90
CA ALA B 189 -44.75 31.51 17.81
C ALA B 189 -45.71 31.04 18.89
N ASN B 190 -45.50 29.84 19.42
CA ASN B 190 -46.36 29.33 20.47
C ASN B 190 -45.90 29.73 21.87
N VAL B 191 -44.99 30.69 21.96
CA VAL B 191 -44.38 31.08 23.25
C VAL B 191 -45.39 31.38 24.38
N ASN C 2 40.08 -21.33 -24.69
CA ASN C 2 40.88 -21.51 -23.42
C ASN C 2 41.75 -20.32 -23.04
N HIS C 3 42.29 -19.63 -24.05
CA HIS C 3 42.85 -18.30 -23.87
C HIS C 3 41.95 -17.41 -22.95
N LEU C 4 40.63 -17.55 -23.12
CA LEU C 4 39.65 -16.61 -22.54
C LEU C 4 39.47 -16.77 -21.04
N ILE C 5 39.64 -17.99 -20.55
CA ILE C 5 39.42 -18.30 -19.14
C ILE C 5 40.73 -18.50 -18.35
N SER C 6 41.81 -18.09 -18.97
CA SER C 6 43.12 -18.30 -18.40
C SER C 6 43.19 -17.62 -17.05
N GLY C 7 43.53 -18.39 -16.03
CA GLY C 7 43.75 -17.80 -14.72
C GLY C 7 42.49 -17.63 -13.88
N PHE C 8 41.34 -18.04 -14.41
CA PHE C 8 40.08 -17.95 -13.64
C PHE C 8 40.08 -18.86 -12.41
N GLU C 9 40.91 -19.91 -12.41
CA GLU C 9 41.02 -20.81 -11.25
C GLU C 9 41.47 -20.06 -9.97
N ASN C 10 42.25 -18.99 -10.09
CA ASN C 10 42.57 -18.21 -8.91
C ASN C 10 41.38 -17.43 -8.35
N PHE C 11 40.54 -16.88 -9.23
CA PHE C 11 39.30 -16.24 -8.78
C PHE C 11 38.41 -17.23 -8.09
N GLU C 12 38.29 -18.41 -8.63
CA GLU C 12 37.41 -19.39 -8.04
C GLU C 12 37.81 -19.70 -6.60
N LYS C 13 39.13 -19.69 -6.37
CA LYS C 13 39.69 -19.91 -5.04
C LYS C 13 39.43 -18.70 -4.14
N LYS C 14 39.65 -17.51 -4.63
CA LYS C 14 39.35 -16.32 -3.84
C LYS C 14 37.88 -16.30 -3.30
N ILE C 15 36.91 -16.75 -4.10
CA ILE C 15 35.50 -16.65 -3.67
C ILE C 15 34.99 -17.95 -3.16
N ASN C 16 35.79 -18.99 -3.30
CA ASN C 16 35.43 -20.32 -2.81
C ASN C 16 34.25 -20.96 -3.52
N TYR C 17 34.27 -20.90 -4.86
CA TYR C 17 33.25 -21.53 -5.66
C TYR C 17 33.89 -21.95 -6.97
N ARG C 18 33.74 -23.20 -7.30
CA ARG C 18 34.31 -23.75 -8.50
C ARG C 18 33.19 -23.93 -9.49
N PHE C 19 33.28 -23.30 -10.65
CA PHE C 19 32.20 -23.40 -11.62
C PHE C 19 32.15 -24.78 -12.26
N LYS C 20 30.94 -25.35 -12.39
CA LYS C 20 30.74 -26.55 -13.15
C LYS C 20 30.93 -26.26 -14.63
N ASN C 21 30.47 -25.10 -15.07
CA ASN C 21 30.65 -24.67 -16.46
C ASN C 21 31.22 -23.26 -16.44
N LYS C 22 32.51 -23.16 -16.74
CA LYS C 22 33.21 -21.89 -16.68
C LYS C 22 32.67 -20.85 -17.67
N ALA C 23 31.87 -21.24 -18.65
CA ALA C 23 31.23 -20.27 -19.54
C ALA C 23 30.47 -19.17 -18.77
N TYR C 24 29.84 -19.52 -17.64
CA TYR C 24 29.00 -18.58 -16.90
C TYR C 24 29.91 -17.58 -16.23
N LEU C 25 31.04 -18.08 -15.76
CA LEU C 25 32.06 -17.22 -15.15
C LEU C 25 32.59 -16.29 -16.18
N LEU C 26 32.94 -16.81 -17.35
CA LEU C 26 33.42 -15.96 -18.43
C LEU C 26 32.40 -14.88 -18.83
N GLN C 27 31.14 -15.28 -19.00
CA GLN C 27 30.10 -14.35 -19.39
C GLN C 27 29.95 -13.25 -18.34
N ALA C 28 30.03 -13.62 -17.06
CA ALA C 28 29.86 -12.66 -15.97
C ALA C 28 30.87 -11.55 -16.01
N PHE C 29 32.06 -11.87 -16.53
CA PHE C 29 33.21 -10.95 -16.58
C PHE C 29 33.43 -10.33 -17.94
N THR C 30 32.54 -10.60 -18.90
CA THR C 30 32.68 -10.09 -20.24
C THR C 30 31.87 -8.85 -20.52
N HIS C 31 32.57 -7.72 -20.64
CA HIS C 31 31.93 -6.47 -20.90
C HIS C 31 31.50 -6.46 -22.35
N ALA C 32 30.49 -5.65 -22.66
CA ALA C 32 29.99 -5.55 -24.03
C ALA C 32 31.07 -5.17 -25.02
N SER C 33 32.09 -4.43 -24.57
CA SER C 33 33.17 -3.98 -25.49
C SER C 33 34.20 -5.08 -25.83
N TYR C 34 34.12 -6.24 -25.17
CA TYR C 34 35.16 -7.25 -25.29
C TYR C 34 34.90 -8.15 -26.48
N HIS C 35 35.32 -7.66 -27.65
CA HIS C 35 34.94 -8.25 -28.90
C HIS C 35 35.73 -9.54 -29.16
N TYR C 36 36.75 -9.83 -28.35
CA TYR C 36 37.47 -11.09 -28.49
C TYR C 36 36.67 -12.33 -28.08
N ASN C 37 35.68 -12.16 -27.24
CA ASN C 37 34.84 -13.26 -26.81
C ASN C 37 33.69 -13.36 -27.79
N THR C 38 33.72 -14.38 -28.63
CA THR C 38 32.58 -14.61 -29.53
C THR C 38 31.99 -15.97 -29.29
N ILE C 39 32.00 -16.40 -28.04
CA ILE C 39 31.43 -17.67 -27.66
C ILE C 39 30.32 -17.55 -26.58
N THR C 40 30.42 -16.55 -25.70
CA THR C 40 29.30 -16.22 -24.83
C THR C 40 28.78 -14.83 -25.10
N ASP C 41 27.60 -14.54 -24.54
CA ASP C 41 27.11 -13.19 -24.48
C ASP C 41 27.98 -12.35 -23.48
N CYS C 42 27.74 -11.04 -23.41
CA CYS C 42 28.33 -10.19 -22.39
C CYS C 42 27.56 -10.35 -21.07
N TYR C 43 27.98 -9.68 -20.02
CA TYR C 43 27.39 -9.89 -18.70
C TYR C 43 25.97 -9.33 -18.46
N GLN C 44 25.45 -8.54 -19.36
CA GLN C 44 24.26 -7.75 -19.02
C GLN C 44 23.05 -8.57 -18.66
N ARG C 45 22.84 -9.69 -19.34
CA ARG C 45 21.66 -10.53 -19.00
C ARG C 45 21.83 -11.17 -17.64
N LEU C 46 23.06 -11.61 -17.32
CA LEU C 46 23.37 -12.12 -15.98
C LEU C 46 23.28 -11.05 -14.87
N GLU C 47 23.70 -9.82 -15.18
CA GLU C 47 23.56 -8.71 -14.26
C GLU C 47 22.06 -8.50 -13.93
N PHE C 48 21.23 -8.54 -14.96
CA PHE C 48 19.74 -8.34 -14.78
C PHE C 48 19.21 -9.31 -13.75
N LEU C 49 19.60 -10.55 -13.91
CA LEU C 49 19.17 -11.57 -13.00
C LEU C 49 19.78 -11.46 -11.59
N GLY C 50 21.09 -11.23 -11.54
CA GLY C 50 21.79 -11.11 -10.28
C GLY C 50 21.35 -9.98 -9.39
N ASP C 51 21.00 -8.86 -10.01
CA ASP C 51 20.51 -7.70 -9.33
C ASP C 51 19.29 -8.08 -8.43
N ALA C 52 18.28 -8.70 -9.02
CA ALA C 52 17.09 -9.10 -8.27
C ALA C 52 17.43 -10.23 -7.25
N ILE C 53 18.29 -11.17 -7.62
CA ILE C 53 18.71 -12.19 -6.71
C ILE C 53 19.28 -11.62 -5.43
N LEU C 54 20.19 -10.65 -5.54
CA LEU C 54 20.83 -10.06 -4.37
C LEU C 54 19.87 -9.24 -3.53
N ASP C 55 18.98 -8.50 -4.22
CA ASP C 55 17.96 -7.74 -3.50
C ASP C 55 17.05 -8.68 -2.71
N TYR C 56 16.65 -9.82 -3.26
CA TYR C 56 15.91 -10.79 -2.49
C TYR C 56 16.72 -11.32 -1.29
N LEU C 57 17.96 -11.75 -1.53
CA LEU C 57 18.71 -12.43 -0.46
C LEU C 57 19.04 -11.46 0.67
N ILE C 58 19.36 -10.23 0.33
CA ILE C 58 19.65 -9.24 1.33
C ILE C 58 18.34 -8.82 2.09
N THR C 59 17.25 -8.63 1.34
CA THR C 59 15.99 -8.31 1.97
C THR C 59 15.59 -9.39 2.99
N LYS C 60 15.67 -10.64 2.58
CA LYS C 60 15.30 -11.76 3.36
C LYS C 60 16.16 -11.81 4.66
N HIS C 61 17.47 -11.68 4.49
CA HIS C 61 18.40 -11.61 5.60
C HIS C 61 18.00 -10.52 6.58
N LEU C 62 17.67 -9.36 6.07
CA LEU C 62 17.43 -8.22 6.90
C LEU C 62 16.12 -8.45 7.69
N TYR C 63 15.13 -9.06 7.01
CA TYR C 63 13.82 -9.23 7.56
C TYR C 63 13.90 -10.31 8.70
N GLU C 64 14.74 -11.30 8.49
CA GLU C 64 14.89 -12.38 9.42
C GLU C 64 15.78 -12.05 10.61
N ASP C 65 16.45 -10.93 10.59
CA ASP C 65 17.36 -10.64 11.66
C ASP C 65 16.56 -10.53 12.99
N PRO C 66 17.04 -11.20 14.05
CA PRO C 66 16.30 -11.22 15.33
C PRO C 66 16.04 -9.85 15.99
N ARG C 67 16.77 -8.80 15.60
CA ARG C 67 16.51 -7.46 16.14
C ARG C 67 15.17 -6.92 15.70
N GLN C 68 14.50 -7.61 14.76
CA GLN C 68 13.20 -7.16 14.32
C GLN C 68 13.21 -5.70 13.99
N HIS C 69 14.11 -5.34 13.06
CA HIS C 69 14.22 -3.97 12.62
C HIS C 69 12.87 -3.45 12.25
N SER C 70 12.65 -2.18 12.54
CA SER C 70 11.45 -1.51 12.08
C SER C 70 11.48 -1.39 10.54
N PRO C 71 10.33 -1.11 9.94
CA PRO C 71 10.24 -0.88 8.48
C PRO C 71 11.18 0.23 8.01
N GLY C 72 11.21 1.33 8.76
CA GLY C 72 12.11 2.44 8.47
C GLY C 72 13.57 2.01 8.47
N VAL C 73 13.96 1.22 9.44
CA VAL C 73 15.31 0.71 9.51
C VAL C 73 15.64 -0.32 8.42
N LEU C 74 14.72 -1.25 8.15
CA LEU C 74 14.88 -2.21 7.09
C LEU C 74 15.16 -1.50 5.76
N THR C 75 14.37 -0.46 5.50
CA THR C 75 14.47 0.29 4.28
C THR C 75 15.79 1.02 4.18
N ASP C 76 16.25 1.64 5.28
CA ASP C 76 17.55 2.35 5.27
C ASP C 76 18.72 1.35 5.11
N LEU C 77 18.66 0.20 5.79
CA LEU C 77 19.71 -0.78 5.68
C LEU C 77 19.80 -1.34 4.22
N ARG C 78 18.63 -1.66 3.66
CA ARG C 78 18.61 -2.18 2.34
C ARG C 78 19.20 -1.17 1.33
N SER C 79 18.84 0.09 1.42
CA SER C 79 19.44 1.14 0.58
C SER C 79 20.94 1.27 0.76
N ALA C 80 21.41 1.13 1.98
CA ALA C 80 22.82 1.22 2.25
C ALA C 80 23.57 0.00 1.75
N LEU C 81 22.90 -1.15 1.64
CA LEU C 81 23.57 -2.38 1.25
C LEU C 81 23.39 -2.79 -0.24
N VAL C 82 22.37 -2.28 -0.90
CA VAL C 82 22.06 -2.67 -2.27
C VAL C 82 22.17 -1.35 -3.00
N ASN C 83 23.37 -0.98 -3.33
CA ASN C 83 23.60 0.13 -4.21
C ASN C 83 24.90 -0.13 -4.96
N ASN C 84 24.98 0.52 -6.10
CA ASN C 84 26.07 0.26 -7.03
C ASN C 84 27.43 0.55 -6.42
N THR C 85 27.48 1.55 -5.57
CA THR C 85 28.73 1.93 -4.90
C THR C 85 29.27 0.89 -3.91
N ILE C 86 28.44 0.41 -3.00
CA ILE C 86 28.84 -0.68 -2.15
C ILE C 86 29.20 -1.92 -2.92
N PHE C 87 28.41 -2.24 -3.95
CA PHE C 87 28.71 -3.43 -4.76
C PHE C 87 30.09 -3.28 -5.44
N ALA C 88 30.35 -2.12 -6.00
CA ALA C 88 31.67 -1.85 -6.63
C ALA C 88 32.82 -1.99 -5.60
N SER C 89 32.62 -1.47 -4.40
CA SER C 89 33.64 -1.60 -3.35
C SER C 89 33.90 -3.05 -3.00
N LEU C 90 32.84 -3.87 -2.86
CA LEU C 90 33.01 -5.29 -2.62
C LEU C 90 33.65 -6.03 -3.78
N ALA C 91 33.24 -5.74 -5.01
CA ALA C 91 33.83 -6.40 -6.17
C ALA C 91 35.37 -6.21 -6.12
N VAL C 92 35.78 -4.99 -5.90
CA VAL C 92 37.21 -4.63 -5.95
C VAL C 92 37.96 -5.30 -4.77
N LYS C 93 37.30 -5.38 -3.61
CA LYS C 93 37.86 -5.96 -2.40
C LYS C 93 38.11 -7.44 -2.65
N TYR C 94 37.27 -8.06 -3.49
CA TYR C 94 37.47 -9.45 -3.83
C TYR C 94 38.11 -9.71 -5.18
N ASP C 95 38.82 -8.72 -5.70
CA ASP C 95 39.62 -8.86 -6.94
C ASP C 95 38.85 -9.08 -8.25
N TYR C 96 37.55 -8.75 -8.28
CA TYR C 96 36.79 -8.96 -9.53
C TYR C 96 37.46 -8.19 -10.67
N HIS C 97 37.99 -7.02 -10.37
CA HIS C 97 38.62 -6.20 -11.37
C HIS C 97 39.81 -6.86 -12.07
N LYS C 98 40.43 -7.86 -11.45
CA LYS C 98 41.58 -8.51 -12.05
C LYS C 98 41.18 -9.51 -13.11
N TYR C 99 39.86 -9.81 -13.20
CA TYR C 99 39.39 -10.78 -14.15
C TYR C 99 38.40 -10.21 -15.17
N PHE C 100 38.04 -8.94 -15.00
CA PHE C 100 37.17 -8.18 -15.87
C PHE C 100 37.77 -8.04 -17.26
N LYS C 101 36.97 -8.36 -18.26
CA LYS C 101 37.37 -8.31 -19.65
C LYS C 101 36.62 -7.22 -20.40
N ALA C 102 37.38 -6.24 -20.90
CA ALA C 102 36.81 -5.10 -21.57
C ALA C 102 37.86 -4.48 -22.48
N VAL C 103 37.41 -3.68 -23.44
CA VAL C 103 38.31 -2.88 -24.29
C VAL C 103 37.83 -1.47 -24.11
N SER C 104 38.47 -0.75 -23.18
CA SER C 104 38.09 0.64 -22.92
C SER C 104 39.09 1.26 -21.94
N PRO C 105 39.98 2.11 -22.45
CA PRO C 105 40.92 2.80 -21.54
C PRO C 105 40.22 3.62 -20.47
N GLU C 106 39.18 4.32 -20.83
CA GLU C 106 38.45 5.13 -19.86
C GLU C 106 37.98 4.25 -18.70
N LEU C 107 37.38 3.11 -19.03
CA LEU C 107 36.86 2.24 -17.95
C LEU C 107 37.97 1.78 -17.03
N PHE C 108 39.06 1.32 -17.63
CA PHE C 108 40.15 0.84 -16.82
C PHE C 108 40.83 1.95 -16.02
N HIS C 109 40.83 3.15 -16.54
CA HIS C 109 41.37 4.29 -15.82
C HIS C 109 40.52 4.56 -14.59
N VAL C 110 39.21 4.61 -14.78
CA VAL C 110 38.28 4.80 -13.67
C VAL C 110 38.40 3.66 -12.65
N ILE C 111 38.47 2.39 -13.08
CA ILE C 111 38.68 1.29 -12.17
C ILE C 111 39.99 1.43 -11.36
N ASP C 112 41.10 1.69 -12.08
CA ASP C 112 42.43 1.86 -11.43
C ASP C 112 42.37 2.92 -10.31
N ASP C 113 41.79 4.07 -10.60
CA ASP C 113 41.72 5.18 -9.64
C ASP C 113 40.86 4.77 -8.46
N PHE C 114 39.80 4.01 -8.71
CA PHE C 114 38.90 3.61 -7.64
C PHE C 114 39.56 2.56 -6.76
N VAL C 115 40.27 1.63 -7.37
CA VAL C 115 40.96 0.61 -6.63
C VAL C 115 41.99 1.28 -5.70
N GLN C 116 42.73 2.26 -6.24
CA GLN C 116 43.74 2.99 -5.48
C GLN C 116 43.06 3.69 -4.30
N PHE C 117 42.02 4.47 -4.59
CA PHE C 117 41.27 5.19 -3.57
C PHE C 117 40.79 4.32 -2.45
N GLN C 118 40.48 3.06 -2.76
CA GLN C 118 39.95 2.15 -1.75
C GLN C 118 41.08 1.62 -0.90
N LEU C 119 42.26 1.50 -1.49
CA LEU C 119 43.46 1.05 -0.74
C LEU C 119 43.96 2.15 0.20
N GLU C 120 43.86 3.40 -0.25
CA GLU C 120 44.10 4.57 0.59
C GLU C 120 43.06 4.73 1.74
N LYS C 121 42.03 3.89 1.78
CA LYS C 121 40.95 4.03 2.76
C LYS C 121 40.77 2.76 3.60
N GLU C 142 33.33 10.29 -1.99
CA GLU C 142 32.99 11.70 -1.81
C GLU C 142 33.39 12.55 -3.03
N ASP C 143 34.59 12.25 -3.56
CA ASP C 143 35.14 12.91 -4.75
C ASP C 143 35.26 11.91 -5.94
N ILE C 144 35.74 10.70 -5.62
CA ILE C 144 36.15 9.70 -6.61
C ILE C 144 35.00 9.18 -7.53
N GLU C 145 35.31 8.91 -8.77
CA GLU C 145 34.30 8.39 -9.68
C GLU C 145 34.18 6.89 -9.42
N VAL C 146 32.97 6.44 -9.15
CA VAL C 146 32.74 5.02 -8.90
C VAL C 146 32.54 4.31 -10.25
N PRO C 147 33.29 3.24 -10.50
CA PRO C 147 33.14 2.48 -11.75
C PRO C 147 31.90 1.57 -11.66
N LYS C 148 30.86 1.99 -12.34
CA LYS C 148 29.60 1.29 -12.30
C LYS C 148 29.73 -0.15 -12.70
N ALA C 149 30.61 -0.42 -13.65
CA ALA C 149 30.77 -1.77 -14.13
C ALA C 149 31.21 -2.74 -13.04
N MET C 150 31.94 -2.27 -12.03
CA MET C 150 32.32 -3.17 -10.94
C MET C 150 31.10 -3.61 -10.09
N GLY C 151 30.19 -2.69 -9.85
CA GLY C 151 28.93 -3.03 -9.23
C GLY C 151 28.12 -3.99 -10.12
N ASP C 152 28.15 -3.72 -11.41
CA ASP C 152 27.45 -4.57 -12.36
C ASP C 152 27.97 -5.99 -12.39
N ILE C 153 29.28 -6.19 -12.23
CA ILE C 153 29.77 -7.54 -12.20
C ILE C 153 29.66 -8.19 -10.84
N PHE C 154 29.49 -7.43 -9.76
CA PHE C 154 29.10 -8.08 -8.50
C PHE C 154 27.73 -8.74 -8.70
N GLU C 155 26.85 -8.04 -9.42
CA GLU C 155 25.54 -8.60 -9.79
C GLU C 155 25.64 -9.76 -10.80
N SER C 156 26.42 -9.58 -11.87
CA SER C 156 26.47 -10.60 -12.89
C SER C 156 27.02 -11.93 -12.39
N LEU C 157 28.01 -11.88 -11.51
CA LEU C 157 28.55 -13.14 -10.97
C LEU C 157 27.51 -13.88 -10.15
N ALA C 158 26.74 -13.16 -9.37
CA ALA C 158 25.64 -13.80 -8.67
C ALA C 158 24.70 -14.46 -9.66
N GLY C 159 24.33 -13.78 -10.73
CA GLY C 159 23.56 -14.41 -11.76
C GLY C 159 24.23 -15.65 -12.35
N ALA C 160 25.56 -15.57 -12.56
CA ALA C 160 26.31 -16.68 -13.08
C ALA C 160 26.32 -17.92 -12.16
N ILE C 161 26.56 -17.69 -10.87
CA ILE C 161 26.53 -18.79 -9.90
C ILE C 161 25.14 -19.42 -9.85
N TYR C 162 24.10 -18.58 -9.92
CA TYR C 162 22.73 -19.06 -10.00
C TYR C 162 22.50 -19.95 -11.17
N MET C 163 22.97 -19.56 -12.36
CA MET C 163 22.77 -20.41 -13.48
C MET C 163 23.58 -21.66 -13.38
N ASP C 164 24.84 -21.56 -12.92
CA ASP C 164 25.76 -22.68 -12.96
C ASP C 164 25.33 -23.77 -11.99
N SER C 165 24.66 -23.36 -10.92
CA SER C 165 24.26 -24.26 -9.85
C SER C 165 22.85 -24.83 -10.05
N GLY C 166 22.23 -24.63 -11.23
CA GLY C 166 20.87 -25.07 -11.46
C GLY C 166 19.76 -24.25 -10.86
N MET C 167 19.97 -22.91 -10.88
CA MET C 167 19.08 -21.88 -10.36
C MET C 167 18.87 -22.08 -8.86
N SER C 168 20.00 -22.26 -8.15
CA SER C 168 20.02 -22.32 -6.68
C SER C 168 20.32 -21.00 -5.92
N LEU C 169 19.30 -20.42 -5.31
CA LEU C 169 19.47 -19.24 -4.50
C LEU C 169 20.36 -19.50 -3.29
N GLU C 170 20.26 -20.71 -2.71
CA GLU C 170 21.13 -21.06 -1.54
C GLU C 170 22.62 -21.09 -1.92
N THR C 171 22.96 -21.62 -3.08
CA THR C 171 24.38 -21.59 -3.51
C THR C 171 24.87 -20.19 -3.68
N VAL C 172 24.07 -19.30 -4.27
CA VAL C 172 24.51 -17.91 -4.40
C VAL C 172 24.80 -17.34 -3.05
N TRP C 173 23.89 -17.54 -2.11
CA TRP C 173 24.10 -16.93 -0.79
C TRP C 173 25.29 -17.54 0.00
N GLN C 174 25.59 -18.83 -0.21
CA GLN C 174 26.77 -19.48 0.40
C GLN C 174 28.04 -18.74 -0.05
N VAL C 175 28.04 -18.26 -1.28
CA VAL C 175 29.18 -17.50 -1.76
C VAL C 175 29.14 -16.06 -1.38
N TYR C 176 27.95 -15.43 -1.47
CA TYR C 176 27.88 -13.99 -1.32
C TYR C 176 27.77 -13.52 0.13
N TYR C 177 27.11 -14.29 0.98
CA TYR C 177 26.98 -13.87 2.39
C TYR C 177 28.35 -13.57 3.04
N PRO C 178 29.35 -14.42 2.87
CA PRO C 178 30.68 -14.11 3.47
C PRO C 178 31.24 -12.78 2.98
N MET C 179 30.98 -12.40 1.72
CA MET C 179 31.53 -11.13 1.25
C MET C 179 30.78 -9.95 1.84
N MET C 180 29.49 -10.12 2.05
CA MET C 180 28.68 -9.01 2.52
C MET C 180 28.57 -8.88 4.04
N ARG C 181 28.79 -9.97 4.74
CA ARG C 181 28.57 -10.00 6.19
C ARG C 181 29.20 -8.84 6.96
N PRO C 182 30.47 -8.52 6.70
CA PRO C 182 31.11 -7.39 7.41
C PRO C 182 30.33 -6.11 7.32
N LEU C 183 29.85 -5.75 6.12
CA LEU C 183 29.08 -4.52 6.01
C LEU C 183 27.66 -4.68 6.55
N ILE C 184 27.09 -5.86 6.44
CA ILE C 184 25.75 -6.06 6.96
C ILE C 184 25.82 -5.85 8.50
N GLU C 185 26.78 -6.50 9.15
CA GLU C 185 26.95 -6.42 10.61
C GLU C 185 27.26 -5.00 11.06
N LYS C 186 28.15 -4.34 10.35
CA LYS C 186 28.48 -2.96 10.68
C LYS C 186 27.32 -2.00 10.55
N PHE C 187 26.60 -2.01 9.42
CA PHE C 187 25.48 -1.07 9.26
C PHE C 187 24.35 -1.43 10.23
N SER C 188 24.20 -2.71 10.50
CA SER C 188 23.11 -3.14 11.35
C SER C 188 23.31 -2.70 12.82
N ALA C 189 24.56 -2.44 13.23
CA ALA C 189 24.83 -1.97 14.60
C ALA C 189 24.72 -0.45 14.70
N ASN C 190 24.74 0.25 13.56
CA ASN C 190 24.50 1.69 13.50
C ASN C 190 23.09 2.08 13.03
#